data_5E7R
#
_entry.id   5E7R
#
_cell.length_a   58.179
_cell.length_b   134.093
_cell.length_c   149.044
_cell.angle_alpha   90.00
_cell.angle_beta   90.00
_cell.angle_gamma   90.00
#
_symmetry.space_group_name_H-M   'I 2 2 2'
#
loop_
_entity.id
_entity.type
_entity.pdbx_description
1 polymer 'TAK1 kinase - TAB1 chimera fusion protein'
2 non-polymer 2-chloro-N-{2-[(5-chloro-2-{[4-(4-methylpiperazin-1-yl)phenyl]amino}pyrimidin-4-yl)oxy]phenyl}acetamide
3 water water
#
_entity_poly.entity_id   1
_entity_poly.type   'polypeptide(L)'
_entity_poly.pdbx_seq_one_letter_code
;SLHMIDYKEIEVEEVVGRGAFGVVCKAKWRAKDVAIKQIESESERKAFIVELRQLSRVNHPNIVKLYGACLNPVCLVMEY
AEGGSLYNVLHGAEPLPYYTAAHAMSWCLQCSQGVAYLHSMQPKALIHRDLKPPNLLLVAGGTVLKICDFGTACDIQTHM
TNNKGSAAWMAPEVFEGSNYSEKCDVFSWGIILWEVITRRKPFDEIGGPAFRIMWAVHNGTRPPLIKNLPKPIESLMTRC
WSKDPSQRPSMEEIVKIMTHLMRYFPGADEPLQYPCQHSLPPGEDGRVEPYVDFAEFYRLWSVDHGEQSVVTAP
;
_entity_poly.pdbx_strand_id   A
#
loop_
_chem_comp.id
_chem_comp.type
_chem_comp.name
_chem_comp.formula
5KW non-polymer 2-chloro-N-{2-[(5-chloro-2-{[4-(4-methylpiperazin-1-yl)phenyl]amino}pyrimidin-4-yl)oxy]phenyl}acetamide 'C23 H24 Cl2 N6 O2'
#
# COMPACT_ATOMS: atom_id res chain seq x y z
N HIS A 3 23.99 -11.71 3.99
CA HIS A 3 24.49 -13.05 4.27
C HIS A 3 24.30 -13.99 3.10
N MET A 4 25.03 -15.10 3.15
CA MET A 4 24.98 -16.16 2.15
C MET A 4 24.54 -17.44 2.86
N ILE A 5 23.23 -17.71 2.82
CA ILE A 5 22.66 -18.77 3.64
C ILE A 5 22.87 -20.12 2.98
N ASP A 6 23.01 -21.15 3.82
CA ASP A 6 23.05 -22.53 3.36
C ASP A 6 21.61 -23.04 3.25
N TYR A 7 21.23 -23.48 2.05
CA TYR A 7 19.84 -23.88 1.82
C TYR A 7 19.43 -25.02 2.74
N LYS A 8 20.32 -25.99 2.95
CA LYS A 8 19.97 -27.13 3.79
C LYS A 8 19.55 -26.69 5.18
N GLU A 9 20.02 -25.53 5.61
CA GLU A 9 19.67 -24.96 6.91
C GLU A 9 18.23 -24.47 6.97
N ILE A 10 17.49 -24.54 5.86
CA ILE A 10 16.13 -24.03 5.77
C ILE A 10 15.18 -25.20 5.59
N GLU A 11 13.95 -25.01 6.06
CA GLU A 11 12.92 -26.05 6.03
C GLU A 11 11.67 -25.45 5.38
N VAL A 12 11.45 -25.78 4.10
CA VAL A 12 10.35 -25.21 3.35
C VAL A 12 9.02 -25.71 3.91
N GLU A 13 8.00 -24.86 3.83
CA GLU A 13 6.65 -25.22 4.25
C GLU A 13 5.66 -24.92 3.13
N GLU A 14 4.46 -24.47 3.47
CA GLU A 14 3.41 -24.30 2.48
C GLU A 14 3.75 -23.15 1.53
N VAL A 15 3.31 -23.31 0.28
CA VAL A 15 3.39 -22.22 -0.68
C VAL A 15 2.48 -21.09 -0.23
N VAL A 16 2.95 -19.86 -0.38
CA VAL A 16 2.23 -18.67 0.05
C VAL A 16 1.69 -17.88 -1.15
N GLY A 17 2.53 -17.68 -2.15
CA GLY A 17 2.13 -16.97 -3.34
C GLY A 17 2.79 -17.56 -4.56
N ARG A 18 2.12 -17.43 -5.70
CA ARG A 18 2.59 -18.03 -6.94
C ARG A 18 2.51 -17.03 -8.09
N GLY A 22 8.97 -17.25 -9.29
CA GLY A 22 7.62 -16.73 -9.14
C GLY A 22 6.78 -17.53 -8.16
N VAL A 23 7.45 -18.10 -7.15
CA VAL A 23 6.78 -18.85 -6.09
C VAL A 23 7.43 -18.50 -4.77
N VAL A 24 6.62 -18.25 -3.75
CA VAL A 24 7.08 -17.86 -2.43
C VAL A 24 6.55 -18.86 -1.41
N CYS A 25 7.41 -19.25 -0.50
CA CYS A 25 6.98 -20.21 0.53
C CYS A 25 7.45 -19.87 1.94
N LYS A 26 6.57 -20.11 2.91
CA LYS A 26 6.91 -19.94 4.30
C LYS A 26 7.90 -21.02 4.72
N ALA A 27 8.84 -20.67 5.58
CA ALA A 27 9.87 -21.62 5.97
C ALA A 27 10.49 -21.20 7.30
N LYS A 28 11.09 -22.18 7.96
CA LYS A 28 11.87 -21.96 9.17
C LYS A 28 13.35 -21.94 8.81
N TRP A 29 14.07 -20.98 9.36
CA TRP A 29 15.52 -20.93 9.21
C TRP A 29 16.09 -20.36 10.50
N ARG A 30 16.69 -21.23 11.33
CA ARG A 30 17.19 -20.84 12.64
C ARG A 30 16.03 -20.53 13.58
N ALA A 31 15.01 -21.39 13.56
CA ALA A 31 13.82 -21.23 14.37
C ALA A 31 13.14 -19.89 14.15
N LYS A 32 13.51 -19.18 13.09
CA LYS A 32 12.88 -17.92 12.72
C LYS A 32 12.01 -18.15 11.49
N ASP A 33 10.76 -17.69 11.56
CA ASP A 33 9.88 -17.78 10.40
C ASP A 33 10.38 -16.87 9.30
N VAL A 34 10.28 -17.35 8.06
CA VAL A 34 10.95 -16.73 6.93
C VAL A 34 10.15 -17.00 5.67
N ALA A 35 10.32 -16.13 4.68
CA ALA A 35 9.80 -16.33 3.34
C ALA A 35 10.96 -16.54 2.37
N ILE A 36 10.81 -17.50 1.47
CA ILE A 36 11.85 -17.81 0.49
C ILE A 36 11.25 -17.83 -0.90
N LYS A 37 12.11 -17.63 -1.89
CA LYS A 37 11.67 -17.52 -3.28
C LYS A 37 12.85 -17.86 -4.19
N GLN A 38 12.68 -18.90 -4.99
CA GLN A 38 13.66 -19.25 -6.02
C GLN A 38 13.29 -18.57 -7.33
N ILE A 39 14.26 -18.53 -8.24
CA ILE A 39 14.03 -17.95 -9.56
C ILE A 39 12.81 -18.61 -10.19
N LEU A 55 20.40 -2.24 -2.50
CA LEU A 55 19.53 -3.39 -2.32
C LEU A 55 19.74 -4.02 -0.95
N SER A 56 21.00 -4.31 -0.61
CA SER A 56 21.35 -4.85 0.70
C SER A 56 21.52 -3.76 1.75
N ARG A 57 21.57 -2.49 1.35
CA ARG A 57 21.66 -1.38 2.28
C ARG A 57 20.29 -0.97 2.82
N VAL A 58 19.22 -1.62 2.40
CA VAL A 58 17.87 -1.24 2.81
C VAL A 58 17.60 -1.80 4.20
N ASN A 59 17.32 -0.90 5.11
CA ASN A 59 16.96 -1.28 6.50
C ASN A 59 15.93 -0.33 7.11
N HIS A 60 14.64 -0.67 7.03
CA HIS A 60 13.60 0.21 7.53
C HIS A 60 12.47 -0.63 8.08
N PRO A 61 11.80 -0.19 9.16
CA PRO A 61 10.73 -1.01 9.76
C PRO A 61 9.59 -1.30 8.80
N ASN A 62 9.38 -0.42 7.86
CA ASN A 62 8.25 -0.55 6.92
C ASN A 62 8.62 -1.15 5.57
N ILE A 63 9.72 -1.86 5.53
CA ILE A 63 10.17 -2.55 4.33
C ILE A 63 10.57 -3.96 4.73
N VAL A 64 10.02 -4.96 4.03
CA VAL A 64 10.34 -6.34 4.30
C VAL A 64 11.85 -6.52 4.25
N LYS A 65 12.41 -7.12 5.30
CA LYS A 65 13.84 -7.28 5.42
C LYS A 65 14.33 -8.45 4.59
N LEU A 66 15.43 -8.24 3.88
CA LEU A 66 16.11 -9.32 3.16
C LEU A 66 17.17 -9.91 4.09
N TYR A 67 16.90 -11.10 4.64
CA TYR A 67 17.85 -11.73 5.53
C TYR A 67 19.12 -12.12 4.78
N GLY A 68 18.99 -12.85 3.68
CA GLY A 68 20.13 -13.32 2.93
C GLY A 68 19.72 -14.03 1.65
N ALA A 69 20.49 -15.02 1.23
CA ALA A 69 20.19 -15.71 -0.01
C ALA A 69 21.00 -17.00 -0.09
N CYS A 70 20.36 -18.06 -0.58
CA CYS A 70 21.03 -19.32 -0.81
C CYS A 70 21.54 -19.39 -2.25
N LEU A 71 22.38 -20.38 -2.52
CA LEU A 71 23.11 -20.47 -3.78
C LEU A 71 22.60 -21.57 -4.70
N ASN A 72 22.22 -22.72 -4.16
CA ASN A 72 21.59 -23.74 -4.98
C ASN A 72 20.53 -24.51 -4.18
N PRO A 73 19.24 -24.33 -4.54
CA PRO A 73 18.78 -23.41 -5.59
C PRO A 73 18.92 -21.96 -5.16
N VAL A 74 19.43 -21.12 -6.05
CA VAL A 74 19.48 -19.68 -5.77
C VAL A 74 18.10 -19.20 -5.35
N CYS A 75 18.04 -18.50 -4.22
CA CYS A 75 16.75 -18.07 -3.69
C CYS A 75 16.95 -16.95 -2.69
N LEU A 76 15.94 -16.09 -2.60
CA LEU A 76 15.91 -15.03 -1.60
C LEU A 76 15.40 -15.55 -0.28
N VAL A 77 15.97 -15.03 0.81
CA VAL A 77 15.53 -15.33 2.17
C VAL A 77 15.15 -14.01 2.81
N MET A 78 13.87 -13.85 3.15
CA MET A 78 13.33 -12.59 3.65
C MET A 78 12.48 -12.84 4.89
N GLU A 79 12.24 -11.79 5.65
CA GLU A 79 11.36 -11.91 6.80
C GLU A 79 9.96 -12.29 6.32
N TYR A 80 9.24 -13.00 7.18
CA TYR A 80 7.90 -13.47 6.87
C TYR A 80 6.87 -12.54 7.51
N ALA A 81 5.90 -12.10 6.71
CA ALA A 81 4.80 -11.28 7.18
C ALA A 81 3.60 -12.19 7.39
N GLU A 82 3.24 -12.40 8.65
CA GLU A 82 2.18 -13.33 9.01
C GLU A 82 0.80 -12.86 8.57
N GLY A 83 0.60 -11.57 8.32
CA GLY A 83 -0.71 -11.04 8.00
C GLY A 83 -1.11 -11.05 6.55
N GLY A 84 -0.28 -11.58 5.65
CA GLY A 84 -0.60 -11.52 4.23
C GLY A 84 -0.63 -10.09 3.72
N SER A 85 -1.25 -9.93 2.55
CA SER A 85 -1.22 -8.67 1.81
C SER A 85 -2.36 -7.75 2.21
N LEU A 86 -2.12 -6.45 2.06
CA LEU A 86 -3.18 -5.46 2.25
C LEU A 86 -4.35 -5.71 1.30
N TYR A 87 -4.04 -6.09 0.05
CA TYR A 87 -5.10 -6.33 -0.93
C TYR A 87 -6.04 -7.42 -0.46
N ASN A 88 -5.46 -8.41 0.20
CA ASN A 88 -6.21 -9.57 0.70
C ASN A 88 -7.15 -9.10 1.83
N VAL A 89 -6.62 -8.24 2.68
CA VAL A 89 -7.41 -7.68 3.78
C VAL A 89 -8.58 -6.88 3.22
N LEU A 90 -8.33 -6.06 2.20
CA LEU A 90 -9.35 -5.15 1.69
C LEU A 90 -10.41 -5.91 0.90
N HIS A 91 -9.98 -6.82 0.01
CA HIS A 91 -10.83 -7.36 -1.02
C HIS A 91 -10.87 -8.89 -1.08
N GLY A 92 -10.22 -9.58 -0.14
CA GLY A 92 -10.06 -11.01 -0.23
C GLY A 92 -11.32 -11.80 0.05
N ALA A 93 -11.14 -13.08 0.38
CA ALA A 93 -12.27 -13.98 0.59
C ALA A 93 -12.91 -13.72 1.95
N GLU A 94 -14.23 -13.88 1.99
CA GLU A 94 -14.98 -13.75 3.23
C GLU A 94 -14.52 -14.86 4.19
N PRO A 95 -14.45 -14.58 5.50
CA PRO A 95 -14.82 -13.35 6.20
C PRO A 95 -13.74 -12.28 6.19
N LEU A 96 -14.13 -11.14 5.86
CA LEU A 96 -13.25 -9.99 5.83
C LEU A 96 -13.24 -9.30 7.19
N PRO A 97 -12.10 -8.71 7.56
CA PRO A 97 -12.01 -7.99 8.84
C PRO A 97 -12.59 -6.59 8.76
N TYR A 98 -13.24 -6.19 9.85
CA TYR A 98 -13.54 -4.79 10.08
C TYR A 98 -12.25 -4.00 10.26
N TYR A 99 -12.26 -2.76 9.79
CA TYR A 99 -11.18 -1.83 10.14
C TYR A 99 -11.73 -0.41 10.14
N THR A 100 -10.94 0.49 10.71
CA THR A 100 -11.38 1.85 11.01
C THR A 100 -10.61 2.86 10.16
N ALA A 101 -11.11 4.09 10.19
CA ALA A 101 -10.41 5.21 9.56
C ALA A 101 -8.98 5.33 10.07
N ALA A 102 -8.75 5.00 11.34
CA ALA A 102 -7.40 5.09 11.89
C ALA A 102 -6.48 4.06 11.25
N HIS A 103 -6.95 2.82 11.10
CA HIS A 103 -6.20 1.79 10.38
C HIS A 103 -5.86 2.27 8.98
N ALA A 104 -6.85 2.80 8.26
CA ALA A 104 -6.64 3.24 6.89
C ALA A 104 -5.58 4.31 6.81
N MET A 105 -5.68 5.34 7.68
CA MET A 105 -4.67 6.40 7.66
C MET A 105 -3.33 5.88 8.15
N SER A 106 -3.32 4.90 9.06
CA SER A 106 -2.06 4.35 9.54
C SER A 106 -1.33 3.57 8.45
N TRP A 107 -2.06 2.72 7.72
CA TRP A 107 -1.42 1.97 6.64
C TRP A 107 -0.76 2.91 5.65
N CYS A 108 -1.45 4.00 5.29
CA CYS A 108 -0.93 4.93 4.31
C CYS A 108 0.23 5.75 4.86
N LEU A 109 0.18 6.14 6.14
CA LEU A 109 1.34 6.77 6.76
C LEU A 109 2.54 5.84 6.71
N GLN A 110 2.36 4.58 7.12
CA GLN A 110 3.48 3.65 7.15
C GLN A 110 4.00 3.36 5.75
N CYS A 111 3.10 3.32 4.76
CA CYS A 111 3.54 3.14 3.39
C CYS A 111 4.39 4.32 2.92
N SER A 112 3.99 5.55 3.26
CA SER A 112 4.76 6.71 2.85
C SER A 112 6.09 6.78 3.59
N GLN A 113 6.17 6.21 4.80
CA GLN A 113 7.43 6.20 5.53
C GLN A 113 8.42 5.22 4.89
N GLY A 114 7.96 4.02 4.54
CA GLY A 114 8.81 3.11 3.79
C GLY A 114 9.29 3.70 2.49
N VAL A 115 8.39 4.35 1.75
CA VAL A 115 8.73 4.84 0.43
C VAL A 115 9.63 6.08 0.52
N ALA A 116 9.37 6.96 1.49
CA ALA A 116 10.29 8.07 1.70
C ALA A 116 11.70 7.57 1.92
N TYR A 117 11.86 6.50 2.69
CA TYR A 117 13.19 5.98 2.96
C TYR A 117 13.88 5.51 1.68
N LEU A 118 13.13 4.81 0.82
CA LEU A 118 13.70 4.38 -0.47
C LEU A 118 14.11 5.58 -1.31
N HIS A 119 13.31 6.65 -1.30
CA HIS A 119 13.63 7.83 -2.11
C HIS A 119 14.83 8.59 -1.57
N SER A 120 15.14 8.45 -0.29
CA SER A 120 16.31 9.09 0.31
C SER A 120 17.57 8.28 0.14
N MET A 121 17.48 7.05 -0.36
CA MET A 121 18.63 6.17 -0.48
C MET A 121 19.78 6.90 -1.18
N GLN A 122 20.97 6.77 -0.62
CA GLN A 122 22.17 7.33 -1.24
C GLN A 122 22.99 6.21 -1.87
N PRO A 123 23.70 6.50 -2.97
CA PRO A 123 23.80 7.82 -3.60
C PRO A 123 22.69 8.12 -4.61
N LYS A 124 21.82 7.14 -4.89
CA LYS A 124 20.73 7.31 -5.85
C LYS A 124 19.43 6.85 -5.23
N ALA A 125 18.35 7.56 -5.55
CA ALA A 125 17.04 7.21 -5.04
C ALA A 125 16.58 5.88 -5.62
N LEU A 126 15.87 5.11 -4.79
CA LEU A 126 15.25 3.86 -5.21
C LEU A 126 13.75 4.09 -5.39
N ILE A 127 13.28 3.93 -6.62
CA ILE A 127 11.86 4.09 -6.95
C ILE A 127 11.24 2.70 -6.95
N HIS A 128 10.08 2.56 -6.32
CA HIS A 128 9.44 1.25 -6.23
C HIS A 128 8.85 0.83 -7.56
N ARG A 129 8.17 1.74 -8.25
CA ARG A 129 7.62 1.52 -9.59
C ARG A 129 6.33 0.70 -9.55
N ASP A 130 6.20 -0.21 -8.57
CA ASP A 130 5.07 -1.12 -8.53
C ASP A 130 4.36 -1.04 -7.19
N LEU A 131 4.00 0.17 -6.76
CA LEU A 131 3.34 0.34 -5.46
C LEU A 131 1.86 0.04 -5.59
N LYS A 132 1.41 -1.01 -4.92
CA LYS A 132 0.01 -1.45 -4.98
C LYS A 132 -0.25 -2.42 -3.83
N PRO A 133 -1.48 -2.53 -3.36
CA PRO A 133 -1.77 -3.27 -2.11
C PRO A 133 -1.35 -4.73 -2.16
N PRO A 134 -1.33 -5.38 -3.34
CA PRO A 134 -0.82 -6.77 -3.37
C PRO A 134 0.62 -6.91 -2.90
N ASN A 135 1.38 -5.83 -2.88
CA ASN A 135 2.79 -5.85 -2.47
C ASN A 135 3.00 -5.26 -1.07
N LEU A 136 1.94 -4.86 -0.41
CA LEU A 136 2.02 -4.30 0.94
C LEU A 136 1.59 -5.38 1.92
N LEU A 137 2.52 -5.82 2.76
CA LEU A 137 2.32 -6.95 3.65
C LEU A 137 2.13 -6.45 5.08
N LEU A 138 1.40 -7.23 5.88
CA LEU A 138 0.95 -6.83 7.19
C LEU A 138 1.45 -7.78 8.26
N VAL A 139 1.70 -7.23 9.45
CA VAL A 139 2.05 -8.00 10.64
C VAL A 139 1.43 -7.32 11.85
N ALA A 140 1.70 -7.90 13.03
CA ALA A 140 1.21 -7.38 14.32
C ALA A 140 -0.30 -7.14 14.28
N GLY A 141 -1.04 -8.24 14.10
CA GLY A 141 -2.49 -8.16 14.08
C GLY A 141 -3.04 -7.31 12.96
N GLY A 142 -2.29 -7.14 11.88
CA GLY A 142 -2.73 -6.29 10.80
C GLY A 142 -2.46 -4.81 10.98
N THR A 143 -1.66 -4.42 11.97
CA THR A 143 -1.46 -3.01 12.27
C THR A 143 -0.19 -2.42 11.68
N VAL A 144 0.82 -3.24 11.42
CA VAL A 144 2.10 -2.77 10.88
C VAL A 144 2.19 -3.21 9.43
N LEU A 145 2.50 -2.26 8.55
CA LEU A 145 2.57 -2.50 7.12
C LEU A 145 4.03 -2.50 6.67
N LYS A 146 4.34 -3.37 5.71
CA LYS A 146 5.70 -3.48 5.19
C LYS A 146 5.66 -3.60 3.69
N ILE A 147 6.47 -2.79 3.02
CA ILE A 147 6.57 -2.80 1.57
C ILE A 147 7.43 -3.97 1.15
N CYS A 148 6.95 -4.67 0.12
CA CYS A 148 7.63 -5.83 -0.45
C CYS A 148 7.81 -5.53 -1.94
N ASP A 149 8.87 -6.04 -2.56
CA ASP A 149 9.10 -5.73 -3.96
C ASP A 149 9.88 -6.86 -4.63
N PHE A 150 9.42 -7.27 -5.81
CA PHE A 150 10.15 -8.21 -6.64
C PHE A 150 10.43 -7.70 -8.04
N GLY A 151 9.84 -6.57 -8.43
CA GLY A 151 10.02 -6.02 -9.76
C GLY A 151 11.46 -5.61 -10.06
N GLY A 165 -2.09 -6.94 -13.64
CA GLY A 165 -3.18 -5.98 -13.63
C GLY A 165 -2.85 -4.74 -12.83
N SER A 166 -1.61 -4.27 -12.98
CA SER A 166 -1.12 -3.14 -12.20
C SER A 166 -1.55 -1.79 -12.77
N ALA A 167 -2.19 -1.76 -13.94
CA ALA A 167 -2.57 -0.50 -14.57
C ALA A 167 -3.23 0.46 -13.59
N ALA A 168 -4.03 -0.08 -12.67
CA ALA A 168 -4.92 0.76 -11.87
C ALA A 168 -4.16 1.70 -10.94
N TRP A 169 -2.92 1.38 -10.57
CA TRP A 169 -2.14 2.19 -9.64
C TRP A 169 -0.98 2.93 -10.32
N MET A 170 -0.83 2.78 -11.64
CA MET A 170 0.33 3.31 -12.35
C MET A 170 0.09 4.75 -12.78
N ALA A 171 1.07 5.61 -12.49
CA ALA A 171 1.02 6.99 -12.96
C ALA A 171 1.03 7.01 -14.49
N PRO A 172 0.28 7.91 -15.13
CA PRO A 172 0.19 7.87 -16.60
C PRO A 172 1.52 8.06 -17.32
N GLU A 173 2.45 8.83 -16.76
CA GLU A 173 3.72 9.03 -17.45
C GLU A 173 4.49 7.72 -17.58
N VAL A 174 4.21 6.74 -16.72
CA VAL A 174 4.91 5.47 -16.77
C VAL A 174 4.53 4.69 -18.02
N PHE A 175 3.23 4.45 -18.20
CA PHE A 175 2.80 3.59 -19.30
C PHE A 175 2.66 4.34 -20.61
N GLU A 176 2.78 5.66 -20.62
CA GLU A 176 3.00 6.37 -21.87
C GLU A 176 4.47 6.42 -22.25
N GLY A 177 5.28 5.53 -21.66
CA GLY A 177 6.69 5.44 -22.00
C GLY A 177 7.48 6.67 -21.67
N SER A 178 6.96 7.58 -20.87
CA SER A 178 7.67 8.80 -20.53
C SER A 178 8.76 8.51 -19.51
N ASN A 179 9.72 9.44 -19.44
CA ASN A 179 10.65 9.44 -18.32
C ASN A 179 9.90 9.75 -17.04
N TYR A 180 10.00 8.84 -16.08
CA TYR A 180 9.33 8.98 -14.79
C TYR A 180 10.36 9.26 -13.71
N SER A 181 9.87 9.63 -12.53
CA SER A 181 10.70 9.88 -11.38
C SER A 181 10.01 9.30 -10.16
N GLU A 182 10.55 9.58 -9.00
CA GLU A 182 9.96 9.12 -7.78
C GLU A 182 8.53 9.63 -7.59
N LYS A 183 8.12 10.62 -8.36
CA LYS A 183 6.73 11.08 -8.28
C LYS A 183 5.73 10.05 -8.77
N CYS A 184 6.16 9.04 -9.53
CA CYS A 184 5.22 8.00 -9.93
C CYS A 184 4.74 7.20 -8.73
N ASP A 185 5.59 7.04 -7.71
CA ASP A 185 5.14 6.40 -6.47
C ASP A 185 4.13 7.26 -5.71
N VAL A 186 4.27 8.59 -5.79
CA VAL A 186 3.29 9.45 -5.13
C VAL A 186 1.92 9.24 -5.74
N PHE A 187 1.85 9.15 -7.07
CA PHE A 187 0.59 8.85 -7.73
C PHE A 187 -0.01 7.55 -7.21
N SER A 188 0.80 6.48 -7.16
CA SER A 188 0.28 5.20 -6.70
C SER A 188 -0.25 5.31 -5.27
N TRP A 189 0.49 6.01 -4.41
CA TRP A 189 0.06 6.20 -3.03
C TRP A 189 -1.31 6.86 -2.98
N GLY A 190 -1.52 7.89 -3.81
CA GLY A 190 -2.82 8.56 -3.83
C GLY A 190 -3.96 7.60 -4.14
N ILE A 191 -3.75 6.70 -5.11
CA ILE A 191 -4.77 5.69 -5.42
C ILE A 191 -4.99 4.79 -4.21
N ILE A 192 -3.91 4.40 -3.53
CA ILE A 192 -4.04 3.51 -2.40
C ILE A 192 -4.83 4.17 -1.27
N LEU A 193 -4.61 5.48 -1.07
CA LEU A 193 -5.38 6.20 -0.06
C LEU A 193 -6.87 6.16 -0.37
N TRP A 194 -7.24 6.42 -1.63
CA TRP A 194 -8.64 6.27 -2.03
C TRP A 194 -9.14 4.85 -1.79
N GLU A 195 -8.26 3.87 -1.91
CA GLU A 195 -8.68 2.47 -1.89
C GLU A 195 -8.98 1.99 -0.47
N VAL A 196 -8.18 2.40 0.52
CA VAL A 196 -8.42 1.94 1.88
C VAL A 196 -9.58 2.72 2.51
N ILE A 197 -9.83 3.94 2.06
CA ILE A 197 -10.94 4.72 2.59
C ILE A 197 -12.27 4.20 2.05
N THR A 198 -12.31 3.82 0.77
CA THR A 198 -13.55 3.34 0.15
C THR A 198 -13.74 1.83 0.27
N ARG A 199 -12.67 1.08 0.53
CA ARG A 199 -12.66 -0.38 0.38
C ARG A 199 -13.21 -0.80 -0.97
N ARG A 200 -12.83 -0.07 -2.02
CA ARG A 200 -13.17 -0.40 -3.40
C ARG A 200 -11.91 -0.60 -4.23
N LYS A 201 -11.99 -1.51 -5.20
CA LYS A 201 -10.91 -1.67 -6.16
C LYS A 201 -10.95 -0.48 -7.14
N PRO A 202 -9.83 0.24 -7.31
CA PRO A 202 -9.87 1.40 -8.21
C PRO A 202 -10.10 0.97 -9.64
N PHE A 203 -10.99 1.69 -10.32
CA PHE A 203 -11.32 1.43 -11.73
C PHE A 203 -11.90 0.04 -11.92
N ASP A 204 -12.65 -0.44 -10.93
CA ASP A 204 -13.29 -1.75 -11.06
C ASP A 204 -14.42 -1.71 -12.08
N GLU A 205 -15.02 -0.54 -12.29
CA GLU A 205 -16.11 -0.41 -13.24
C GLU A 205 -15.64 -0.39 -14.70
N ILE A 206 -14.39 -0.01 -14.95
CA ILE A 206 -13.88 0.00 -16.32
C ILE A 206 -13.69 -1.42 -16.81
N GLY A 207 -12.81 -2.17 -16.16
CA GLY A 207 -12.61 -3.56 -16.54
C GLY A 207 -12.00 -3.68 -17.91
N GLY A 208 -12.28 -4.82 -18.56
CA GLY A 208 -11.61 -5.17 -19.78
C GLY A 208 -10.12 -5.30 -19.55
N PRO A 209 -9.36 -5.35 -20.63
CA PRO A 209 -7.90 -5.49 -20.51
C PRO A 209 -7.27 -4.25 -19.92
N ALA A 210 -5.98 -4.38 -19.60
CA ALA A 210 -5.26 -3.28 -18.96
C ALA A 210 -5.31 -1.99 -19.80
N PHE A 211 -5.36 -2.11 -21.13
CA PHE A 211 -5.24 -0.89 -21.95
C PHE A 211 -6.44 0.03 -21.77
N ARG A 212 -7.59 -0.50 -21.38
CA ARG A 212 -8.77 0.34 -21.19
C ARG A 212 -8.59 1.27 -20.00
N ILE A 213 -8.00 0.77 -18.93
CA ILE A 213 -7.69 1.61 -17.78
C ILE A 213 -6.60 2.62 -18.13
N MET A 214 -5.55 2.17 -18.82
CA MET A 214 -4.49 3.08 -19.24
C MET A 214 -5.07 4.23 -20.06
N TRP A 215 -5.89 3.91 -21.06
CA TRP A 215 -6.54 4.94 -21.85
C TRP A 215 -7.36 5.87 -20.96
N ALA A 216 -8.16 5.29 -20.05
CA ALA A 216 -8.96 6.11 -19.16
C ALA A 216 -8.10 7.08 -18.36
N VAL A 217 -7.08 6.57 -17.68
CA VAL A 217 -6.28 7.40 -16.78
C VAL A 217 -5.41 8.38 -17.58
N HIS A 218 -4.96 7.98 -18.77
CA HIS A 218 -4.22 8.89 -19.63
C HIS A 218 -5.05 10.12 -19.97
N ASN A 219 -6.32 9.88 -20.24
CA ASN A 219 -7.29 10.97 -20.51
C ASN A 219 -7.79 11.72 -19.25
N GLY A 220 -7.17 11.61 -18.08
CA GLY A 220 -7.60 12.31 -16.87
C GLY A 220 -8.67 11.65 -15.96
N THR A 221 -9.15 10.46 -16.30
CA THR A 221 -10.09 9.85 -15.38
C THR A 221 -9.38 9.52 -14.07
N ARG A 222 -10.07 9.77 -12.96
CA ARG A 222 -9.56 9.49 -11.62
C ARG A 222 -10.68 8.83 -10.83
N PRO A 223 -10.34 8.12 -9.76
CA PRO A 223 -11.38 7.51 -8.93
C PRO A 223 -12.37 8.56 -8.45
N PRO A 224 -13.64 8.19 -8.29
CA PRO A 224 -14.64 9.19 -7.91
C PRO A 224 -14.36 9.78 -6.54
N LEU A 225 -14.87 11.00 -6.34
CA LEU A 225 -14.71 11.67 -5.07
C LEU A 225 -15.55 10.98 -3.99
N ILE A 226 -15.19 11.24 -2.74
CA ILE A 226 -15.71 10.50 -1.60
C ILE A 226 -16.58 11.46 -0.78
N LYS A 227 -17.83 11.06 -0.56
CA LYS A 227 -18.73 11.87 0.24
C LYS A 227 -18.15 12.08 1.64
N ASN A 228 -18.23 13.31 2.13
CA ASN A 228 -17.88 13.67 3.49
C ASN A 228 -16.40 13.52 3.77
N LEU A 229 -15.56 13.34 2.75
CA LEU A 229 -14.13 13.24 2.97
C LEU A 229 -13.61 14.57 3.51
N PRO A 230 -12.83 14.57 4.58
CA PRO A 230 -12.33 15.85 5.13
C PRO A 230 -11.47 16.59 4.11
N LYS A 231 -11.74 17.89 3.98
CA LYS A 231 -11.03 18.72 3.00
C LYS A 231 -9.52 18.52 3.01
N PRO A 232 -8.83 18.42 4.15
CA PRO A 232 -7.38 18.20 4.11
C PRO A 232 -7.00 16.88 3.45
N ILE A 233 -7.77 15.80 3.68
CA ILE A 233 -7.43 14.54 3.06
C ILE A 233 -7.77 14.57 1.57
N GLU A 234 -8.90 15.18 1.21
CA GLU A 234 -9.24 15.34 -0.21
C GLU A 234 -8.16 16.13 -0.94
N SER A 235 -7.71 17.23 -0.34
CA SER A 235 -6.64 18.04 -0.94
C SER A 235 -5.41 17.18 -1.20
N LEU A 236 -4.99 16.42 -0.19
CA LEU A 236 -3.78 15.61 -0.35
C LEU A 236 -3.96 14.57 -1.44
N MET A 237 -5.08 13.85 -1.41
CA MET A 237 -5.33 12.78 -2.36
C MET A 237 -5.31 13.28 -3.79
N THR A 238 -6.11 14.31 -4.09
CA THR A 238 -6.22 14.78 -5.47
C THR A 238 -4.91 15.39 -5.95
N ARG A 239 -4.17 16.09 -5.08
CA ARG A 239 -2.84 16.57 -5.45
C ARG A 239 -1.97 15.42 -5.93
N CYS A 240 -1.98 14.32 -5.19
CA CYS A 240 -1.18 13.16 -5.58
C CYS A 240 -1.60 12.63 -6.95
N TRP A 241 -2.85 12.85 -7.35
CA TRP A 241 -3.34 12.36 -8.63
C TRP A 241 -3.00 13.28 -9.79
N SER A 242 -2.32 14.38 -9.55
CA SER A 242 -2.13 15.37 -10.59
C SER A 242 -1.54 14.73 -11.84
N LYS A 243 -1.97 15.21 -13.00
CA LYS A 243 -1.37 14.76 -14.25
C LYS A 243 0.10 15.16 -14.30
N ASP A 244 0.38 16.44 -14.09
CA ASP A 244 1.73 16.98 -14.05
C ASP A 244 2.47 16.40 -12.85
N PRO A 245 3.47 15.52 -13.04
CA PRO A 245 4.13 14.92 -11.88
C PRO A 245 4.81 15.93 -10.97
N SER A 246 5.21 17.09 -11.50
CA SER A 246 5.86 18.10 -10.66
C SER A 246 4.89 18.80 -9.72
N GLN A 247 3.58 18.72 -9.99
CA GLN A 247 2.57 19.25 -9.08
C GLN A 247 2.20 18.26 -7.97
N ARG A 248 2.73 17.04 -7.98
CA ARG A 248 2.47 16.14 -6.87
C ARG A 248 3.42 16.46 -5.71
N PRO A 249 2.98 16.27 -4.47
CA PRO A 249 3.87 16.48 -3.33
C PRO A 249 4.94 15.41 -3.27
N SER A 250 6.08 15.77 -2.70
CA SER A 250 7.09 14.79 -2.36
C SER A 250 6.56 13.84 -1.29
N MET A 251 7.21 12.68 -1.17
CA MET A 251 6.84 11.74 -0.11
C MET A 251 7.15 12.31 1.26
N GLU A 252 8.29 13.00 1.39
CA GLU A 252 8.62 13.61 2.67
C GLU A 252 7.50 14.52 3.15
N GLU A 253 6.89 15.27 2.24
CA GLU A 253 5.75 16.09 2.60
C GLU A 253 4.57 15.22 3.04
N ILE A 254 4.30 14.14 2.29
CA ILE A 254 3.20 13.25 2.67
C ILE A 254 3.44 12.68 4.07
N VAL A 255 4.65 12.16 4.32
CA VAL A 255 4.94 11.57 5.62
C VAL A 255 4.62 12.56 6.73
N LYS A 256 5.09 13.81 6.57
CA LYS A 256 4.87 14.83 7.57
C LYS A 256 3.39 15.16 7.73
N ILE A 257 2.68 15.39 6.61
CA ILE A 257 1.26 15.69 6.70
C ILE A 257 0.52 14.55 7.39
N MET A 258 0.82 13.30 7.00
CA MET A 258 0.14 12.15 7.58
C MET A 258 0.50 11.98 9.05
N THR A 259 1.76 12.22 9.40
CA THR A 259 2.16 12.14 10.80
C THR A 259 1.25 13.02 11.66
N HIS A 260 1.03 14.27 11.22
CA HIS A 260 0.30 15.24 12.03
C HIS A 260 -1.21 14.98 12.03
N LEU A 261 -1.73 14.34 10.96
CA LEU A 261 -3.15 14.00 10.93
C LEU A 261 -3.50 12.85 11.88
N MET A 262 -2.53 12.01 12.25
CA MET A 262 -2.85 10.88 13.10
C MET A 262 -3.29 11.32 14.49
N ARG A 263 -2.92 12.53 14.90
CA ARG A 263 -3.47 13.09 16.13
C ARG A 263 -4.98 13.00 16.14
N TYR A 264 -5.61 13.01 14.97
CA TYR A 264 -7.05 12.95 14.87
C TYR A 264 -7.55 11.57 14.50
N PHE A 265 -6.68 10.55 14.54
CA PHE A 265 -7.06 9.18 14.20
C PHE A 265 -6.46 8.23 15.24
N PRO A 266 -6.90 8.32 16.50
CA PRO A 266 -6.46 7.36 17.51
C PRO A 266 -7.00 5.97 17.22
N GLY A 267 -6.23 4.95 17.64
CA GLY A 267 -6.67 3.57 17.57
C GLY A 267 -5.97 2.70 16.56
N ALA A 268 -4.88 3.17 15.94
CA ALA A 268 -4.23 2.41 14.88
C ALA A 268 -3.51 1.17 15.42
N ASP A 269 -3.25 1.10 16.72
CA ASP A 269 -2.62 -0.07 17.32
C ASP A 269 -3.60 -1.20 17.60
N GLU A 270 -4.88 -1.02 17.31
CA GLU A 270 -5.86 -2.03 17.64
C GLU A 270 -5.77 -3.19 16.64
N PRO A 271 -5.52 -4.40 17.08
CA PRO A 271 -5.43 -5.52 16.15
C PRO A 271 -6.70 -5.73 15.40
N LEU A 272 -6.58 -6.18 14.16
CA LEU A 272 -7.73 -6.47 13.35
C LEU A 272 -8.32 -7.74 13.92
N GLN A 273 -9.57 -7.71 14.37
CA GLN A 273 -10.14 -8.92 14.96
C GLN A 273 -11.70 -9.03 14.97
N TYR A 274 -12.40 -7.98 14.56
CA TYR A 274 -13.87 -8.10 14.55
C TYR A 274 -14.34 -8.53 13.14
N PRO A 275 -15.42 -9.32 13.02
CA PRO A 275 -15.92 -9.78 11.73
C PRO A 275 -16.63 -8.65 10.97
N CYS A 276 -16.63 -8.76 9.65
CA CYS A 276 -17.28 -7.73 8.77
C CYS A 276 -18.04 -8.30 7.62
N GLN A 277 -19.25 -7.85 7.48
CA GLN A 277 -20.01 -8.24 6.30
C GLN A 277 -20.17 -6.98 5.46
N HIS A 278 -19.40 -6.88 4.38
CA HIS A 278 -19.27 -5.66 3.60
C HIS A 278 -19.87 -5.88 2.21
N SER A 279 -20.71 -4.93 1.78
CA SER A 279 -21.33 -4.99 0.47
C SER A 279 -21.27 -3.62 -0.17
N LEU A 280 -20.91 -3.60 -1.45
CA LEU A 280 -20.73 -2.39 -2.24
C LEU A 280 -22.02 -1.58 -2.35
N PRO A 281 -22.13 -0.43 -1.68
CA PRO A 281 -23.30 0.44 -1.91
C PRO A 281 -23.33 0.88 -3.36
N PRO A 282 -24.50 1.26 -3.88
CA PRO A 282 -24.54 1.79 -5.25
C PRO A 282 -23.62 2.99 -5.40
N GLY A 283 -22.90 3.02 -6.52
CA GLY A 283 -21.94 4.08 -6.77
C GLY A 283 -22.11 4.73 -8.14
N GLU A 284 -22.82 5.86 -8.17
CA GLU A 284 -22.98 6.65 -9.38
C GLU A 284 -22.87 8.12 -8.97
N ASP A 285 -23.24 9.02 -9.89
CA ASP A 285 -23.14 10.45 -9.64
C ASP A 285 -21.70 10.88 -9.36
N GLY A 286 -20.74 10.09 -9.81
CA GLY A 286 -19.33 10.39 -9.60
C GLY A 286 -18.98 10.60 -8.14
N ARG A 287 -19.75 10.00 -7.23
CA ARG A 287 -19.57 10.22 -5.81
C ARG A 287 -19.88 8.92 -5.07
N VAL A 288 -18.88 8.39 -4.37
CA VAL A 288 -19.04 7.16 -3.60
C VAL A 288 -18.93 7.48 -2.12
N GLU A 289 -19.46 6.59 -1.32
CA GLU A 289 -19.42 6.67 0.13
C GLU A 289 -18.14 6.04 0.67
N PRO A 290 -17.55 6.61 1.72
CA PRO A 290 -16.41 5.95 2.35
C PRO A 290 -16.84 4.69 3.08
N TYR A 291 -15.93 3.72 3.13
CA TYR A 291 -16.15 2.58 4.02
C TYR A 291 -15.88 2.98 5.47
N VAL A 292 -14.81 3.74 5.71
CA VAL A 292 -14.49 4.16 7.06
C VAL A 292 -15.37 5.35 7.46
N ASP A 293 -15.40 5.67 8.75
CA ASP A 293 -16.27 6.68 9.33
C ASP A 293 -15.42 7.83 9.84
N PHE A 294 -15.75 9.05 9.44
CA PHE A 294 -14.94 10.22 9.75
C PHE A 294 -15.53 11.09 10.85
N ALA A 295 -16.59 10.62 11.51
CA ALA A 295 -17.25 11.41 12.53
C ALA A 295 -16.31 11.75 13.68
N GLU A 296 -15.50 10.79 14.11
CA GLU A 296 -14.59 11.03 15.23
C GLU A 296 -13.48 12.00 14.83
N PHE A 297 -13.00 11.90 13.58
CA PHE A 297 -12.06 12.91 13.10
C PHE A 297 -12.65 14.30 13.24
N TYR A 298 -13.89 14.49 12.79
CA TYR A 298 -14.51 15.81 12.87
C TYR A 298 -14.69 16.27 14.31
N ARG A 299 -14.89 15.34 15.22
CA ARG A 299 -15.00 15.67 16.62
C ARG A 299 -13.69 16.14 17.21
N LEU A 300 -12.63 15.40 17.01
CA LEU A 300 -11.32 15.74 17.54
C LEU A 300 -10.76 16.99 16.88
N TRP A 301 -10.90 17.11 15.55
CA TRP A 301 -10.58 18.35 14.87
C TRP A 301 -11.27 19.53 15.55
N SER A 302 -12.56 19.38 15.83
CA SER A 302 -13.35 20.49 16.36
C SER A 302 -12.85 20.91 17.74
N VAL A 303 -12.45 19.96 18.58
CA VAL A 303 -11.88 20.30 19.89
C VAL A 303 -10.69 21.23 19.71
N ASP A 304 -9.81 20.90 18.76
CA ASP A 304 -8.60 21.69 18.55
C ASP A 304 -8.93 23.06 17.98
N HIS A 305 -9.80 23.10 16.96
CA HIS A 305 -10.04 24.32 16.19
C HIS A 305 -11.30 25.05 16.67
N GLY A 306 -12.45 24.39 16.62
CA GLY A 306 -13.68 24.98 17.10
C GLY A 306 -14.75 25.07 16.02
C01 5KW B . -4.69 -16.65 0.74
N02 5KW B . -3.68 -15.78 1.32
C03 5KW B . -3.51 -15.99 2.71
C04 5KW B . -2.32 -15.22 3.32
C05 5KW B . -2.72 -15.31 0.49
C06 5KW B . -1.51 -15.43 0.96
N07 5KW B . -1.30 -15.32 2.27
C08 5KW B . -0.08 -14.75 2.58
C09 5KW B . 0.34 -15.03 3.84
C10 5KW B . 1.59 -14.50 4.22
C11 5KW B . 0.57 -14.01 1.61
C12 5KW B . 1.87 -13.55 1.99
C13 5KW B . 2.35 -13.77 3.29
N14 5KW B . 3.60 -13.33 3.81
C15 5KW B . 4.71 -13.01 3.09
N16 5KW B . 5.79 -12.72 3.81
C17 5KW B . 6.90 -12.24 3.19
C18 5KW B . 7.04 -12.24 1.85
CL1 5KW B . 8.50 -11.69 0.96
C20 5KW B . 5.90 -12.60 1.21
O21 5KW B . 6.02 -12.51 -0.19
C22 5KW B . 4.84 -12.58 -0.93
C23 5KW B . 3.99 -13.66 -0.85
C24 5KW B . 2.84 -13.66 -1.65
C25 5KW B . 2.57 -12.54 -2.46
C26 5KW B . 3.43 -11.41 -2.51
C27 5KW B . 4.58 -11.44 -1.72
N28 5KW B . 5.57 -10.44 -1.65
C29 5KW B . 5.81 -9.48 -2.62
C30 5KW B . 7.04 -8.60 -2.41
O31 5KW B . 5.02 -9.36 -3.62
N32 5KW B . 4.75 -12.96 1.77
#